data_1D7D
#
_entry.id   1D7D
#
_cell.length_a   138.300
_cell.length_b   138.300
_cell.length_c   53.390
_cell.angle_alpha   90.00
_cell.angle_beta   90.00
_cell.angle_gamma   120.00
#
_symmetry.space_group_name_H-M   'P 65'
#
loop_
_entity.id
_entity.type
_entity.pdbx_description
1 polymer 'CELLOBIOSE DEHYDROGENASE'
2 branched beta-D-mannopyranose-(1-4)-2-acetamido-2-deoxy-beta-D-glucopyranose-(1-4)-2-acetamido-2-deoxy-beta-D-glucopyranose
3 branched alpha-D-mannopyranose-(1-4)-2-acetamido-2-deoxy-beta-D-glucopyranose-(1-4)-2-acetamido-2-deoxy-beta-D-glucopyranose
4 non-polymer 'CADMIUM ION'
5 non-polymer 'PROTOPORPHYRIN IX CONTAINING FE'
6 non-polymer 2-(2-{2-[2-(2-METHOXY-ETHOXY)-ETHOXY]-ETHOXY}-ETHOXY)-ETHANOL
7 water water
#
_entity_poly.entity_id   1
_entity_poly.type   'polypeptide(L)'
_entity_poly.pdbx_seq_one_letter_code
;(PCA)SASQFTDPTTGFQFTGITDPVHDVTYGFVFPPLATSGAQSTEFIGEVVAPIASKWIGIALGGAMNNDLLLVAWAN
GNQIVSSTRWATGYVQPTAYTGTATLTTLPETTINSTHWKWVFRCQGCTEWNNGGGIDVTSQGVLAWAFSNVAVDDPSDP
QSTFSEHTDFGFFGIDYSTAHSANYQNYLN
;
_entity_poly.pdbx_strand_id   A,B
#
# COMPACT_ATOMS: atom_id res chain seq x y z
N SER A 2 -0.97 0.99 -9.59
CA SER A 2 -1.03 1.69 -10.87
C SER A 2 -2.34 2.42 -11.06
N ALA A 3 -2.32 3.66 -11.50
CA ALA A 3 -3.56 4.40 -11.76
C ALA A 3 -4.29 3.87 -12.98
N SER A 4 -5.58 4.14 -13.08
CA SER A 4 -6.38 3.81 -14.25
C SER A 4 -7.43 4.90 -14.48
N GLN A 5 -8.04 4.89 -15.64
CA GLN A 5 -9.04 5.89 -15.98
C GLN A 5 -10.39 5.52 -15.36
N PHE A 6 -11.12 6.51 -14.89
CA PHE A 6 -12.46 6.27 -14.33
C PHE A 6 -13.31 7.54 -14.44
N THR A 7 -14.61 7.36 -14.41
CA THR A 7 -15.55 8.47 -14.45
C THR A 7 -16.31 8.63 -13.14
N ASP A 8 -16.39 9.88 -12.68
CA ASP A 8 -17.21 10.12 -11.49
C ASP A 8 -18.68 9.93 -11.88
N PRO A 9 -19.37 9.02 -11.21
CA PRO A 9 -20.71 8.65 -11.66
C PRO A 9 -21.68 9.81 -11.54
N THR A 10 -21.46 10.61 -10.51
CA THR A 10 -22.34 11.75 -10.25
C THR A 10 -22.07 12.92 -11.19
N THR A 11 -20.82 13.36 -11.20
CA THR A 11 -20.41 14.54 -11.95
C THR A 11 -20.09 14.22 -13.41
N GLY A 12 -19.81 12.95 -13.71
CA GLY A 12 -19.35 12.66 -15.06
C GLY A 12 -17.91 13.08 -15.30
N PHE A 13 -17.22 13.69 -14.33
CA PHE A 13 -15.83 14.01 -14.57
C PHE A 13 -15.01 12.74 -14.82
N GLN A 14 -14.10 12.82 -15.77
CA GLN A 14 -13.21 11.71 -16.13
C GLN A 14 -11.84 11.89 -15.51
N PHE A 15 -11.42 10.95 -14.67
CA PHE A 15 -10.17 11.09 -13.95
C PHE A 15 -9.23 9.92 -14.24
N THR A 16 -7.99 10.12 -13.83
CA THR A 16 -7.01 9.06 -13.76
C THR A 16 -6.57 8.95 -12.31
N GLY A 17 -6.62 7.74 -11.76
CA GLY A 17 -6.23 7.60 -10.37
C GLY A 17 -6.51 6.21 -9.84
N ILE A 18 -6.67 6.13 -8.53
CA ILE A 18 -6.79 4.85 -7.86
C ILE A 18 -7.78 4.96 -6.71
N THR A 19 -8.21 3.80 -6.23
CA THR A 19 -8.84 3.70 -4.92
C THR A 19 -7.92 2.86 -4.05
N ASP A 20 -7.53 3.41 -2.92
CA ASP A 20 -6.85 2.67 -1.87
C ASP A 20 -7.86 1.75 -1.20
N PRO A 21 -7.70 0.44 -1.26
CA PRO A 21 -8.72 -0.47 -0.71
C PRO A 21 -8.70 -0.52 0.81
N VAL A 22 -7.60 -0.09 1.43
CA VAL A 22 -7.56 -0.18 2.90
C VAL A 22 -8.44 0.88 3.53
N HIS A 23 -8.31 2.12 3.07
CA HIS A 23 -9.11 3.18 3.66
C HIS A 23 -10.24 3.61 2.74
N ASP A 24 -10.32 2.98 1.57
CA ASP A 24 -11.31 3.19 0.54
C ASP A 24 -11.44 4.66 0.15
N VAL A 25 -10.28 5.29 -0.02
CA VAL A 25 -10.15 6.63 -0.53
C VAL A 25 -9.77 6.58 -2.01
N THR A 26 -10.53 7.29 -2.82
CA THR A 26 -10.26 7.46 -4.24
C THR A 26 -9.51 8.77 -4.49
N TYR A 27 -8.47 8.70 -5.28
CA TYR A 27 -7.68 9.82 -5.72
C TYR A 27 -7.80 9.93 -7.24
N GLY A 28 -8.22 11.07 -7.75
CA GLY A 28 -8.36 11.20 -9.21
C GLY A 28 -7.74 12.50 -9.67
N PHE A 29 -7.18 12.52 -10.87
CA PHE A 29 -6.50 13.66 -11.46
C PHE A 29 -6.88 13.81 -12.92
N VAL A 30 -7.06 15.05 -13.36
CA VAL A 30 -7.26 15.23 -14.80
C VAL A 30 -6.60 16.54 -15.19
N PHE A 31 -6.00 16.56 -16.38
CA PHE A 31 -5.20 17.67 -16.86
C PHE A 31 -5.81 18.31 -18.10
N PRO A 32 -5.50 19.58 -18.34
CA PRO A 32 -5.96 20.23 -19.56
C PRO A 32 -5.28 19.60 -20.78
N PRO A 33 -5.84 19.79 -21.96
CA PRO A 33 -5.20 19.28 -23.20
C PRO A 33 -3.73 19.64 -23.28
N LEU A 34 -2.93 18.69 -23.75
CA LEU A 34 -1.53 18.92 -24.05
C LEU A 34 -1.38 20.00 -25.10
N ALA A 35 -0.36 20.86 -25.01
CA ALA A 35 -0.21 21.93 -26.01
C ALA A 35 0.49 21.42 -27.27
N THR A 36 0.28 22.03 -28.44
CA THR A 36 0.99 21.54 -29.64
C THR A 36 2.25 22.41 -29.83
N SER A 37 2.08 23.66 -29.45
CA SER A 37 3.13 24.67 -29.51
C SER A 37 3.36 25.28 -28.13
N GLY A 38 4.44 24.87 -27.47
CA GLY A 38 4.85 25.69 -26.34
C GLY A 38 4.78 25.01 -25.00
N ALA A 39 4.76 25.83 -23.94
CA ALA A 39 4.82 25.24 -22.61
C ALA A 39 3.50 24.56 -22.29
N GLN A 40 3.54 23.59 -21.38
CA GLN A 40 2.28 22.96 -20.98
C GLN A 40 1.61 23.81 -19.91
N SER A 41 0.34 23.59 -19.69
CA SER A 41 -0.37 24.17 -18.55
C SER A 41 0.26 23.70 -17.25
N THR A 42 0.19 24.50 -16.20
CA THR A 42 0.72 24.10 -14.90
C THR A 42 -0.39 23.80 -13.91
N GLU A 43 -1.62 23.64 -14.44
CA GLU A 43 -2.71 23.33 -13.54
C GLU A 43 -3.31 21.96 -13.80
N PHE A 44 -4.11 21.52 -12.84
CA PHE A 44 -4.87 20.28 -12.99
C PHE A 44 -6.10 20.33 -12.09
N ILE A 45 -7.01 19.39 -12.31
CA ILE A 45 -8.15 19.24 -11.41
C ILE A 45 -8.00 17.90 -10.70
N GLY A 46 -8.29 17.88 -9.41
CA GLY A 46 -8.18 16.62 -8.68
C GLY A 46 -9.43 16.32 -7.89
N GLU A 47 -9.56 15.09 -7.40
CA GLU A 47 -10.64 14.80 -6.47
C GLU A 47 -10.13 13.78 -5.46
N VAL A 48 -10.61 13.92 -4.24
CA VAL A 48 -10.39 12.97 -3.17
C VAL A 48 -11.79 12.58 -2.70
N VAL A 49 -12.11 11.31 -2.76
CA VAL A 49 -13.38 10.82 -2.24
C VAL A 49 -13.05 9.92 -1.03
N ALA A 50 -13.36 10.40 0.16
CA ALA A 50 -12.95 9.71 1.38
C ALA A 50 -14.11 9.43 2.31
N PRO A 51 -14.13 8.26 2.93
CA PRO A 51 -15.07 8.00 4.03
C PRO A 51 -14.84 8.99 5.17
N ILE A 52 -15.92 9.35 5.88
CA ILE A 52 -15.82 10.40 6.88
C ILE A 52 -14.89 10.02 8.00
N ALA A 53 -14.59 8.73 8.16
CA ALA A 53 -13.58 8.38 9.17
C ALA A 53 -12.19 8.88 8.78
N SER A 54 -12.04 9.28 7.51
CA SER A 54 -10.77 9.84 7.08
C SER A 54 -10.60 11.22 7.67
N LYS A 55 -9.73 11.38 8.67
CA LYS A 55 -9.62 12.65 9.36
C LYS A 55 -8.73 13.65 8.64
N TRP A 56 -7.67 13.24 7.97
CA TRP A 56 -7.00 14.14 7.02
C TRP A 56 -6.34 13.28 5.93
N ILE A 57 -6.21 13.85 4.75
CA ILE A 57 -5.61 13.18 3.59
C ILE A 57 -4.52 14.10 3.04
N GLY A 58 -3.39 13.54 2.64
CA GLY A 58 -2.39 14.36 1.94
C GLY A 58 -2.12 13.72 0.58
N ILE A 59 -1.75 14.56 -0.38
CA ILE A 59 -1.26 14.11 -1.68
C ILE A 59 0.13 14.72 -1.88
N ALA A 60 1.10 13.89 -2.20
CA ALA A 60 2.47 14.30 -2.49
C ALA A 60 2.66 14.26 -4.00
N LEU A 61 2.70 15.44 -4.63
CA LEU A 61 2.64 15.54 -6.09
C LEU A 61 3.90 15.09 -6.79
N GLY A 62 5.00 14.93 -6.05
CA GLY A 62 6.17 14.29 -6.65
C GLY A 62 6.36 12.89 -6.11
N GLY A 63 5.43 12.32 -5.37
CA GLY A 63 5.57 10.93 -4.94
C GLY A 63 6.39 10.70 -3.69
N ALA A 64 6.82 11.74 -2.98
CA ALA A 64 7.58 11.55 -1.76
C ALA A 64 7.24 12.64 -0.75
N MET A 65 7.64 12.44 0.52
CA MET A 65 7.26 13.48 1.46
C MET A 65 8.03 14.78 1.24
N ASN A 66 9.34 14.68 0.95
CA ASN A 66 10.17 15.89 0.97
C ASN A 66 10.46 16.41 -0.42
N ASN A 67 10.63 17.74 -0.51
CA ASN A 67 11.08 18.38 -1.73
C ASN A 67 10.05 18.31 -2.84
N ASP A 68 8.76 18.30 -2.46
CA ASP A 68 7.75 18.38 -3.52
C ASP A 68 6.49 18.99 -2.94
N LEU A 69 5.65 19.49 -3.85
CA LEU A 69 4.41 20.11 -3.39
C LEU A 69 3.47 19.08 -2.76
N LEU A 70 2.98 19.39 -1.57
CA LEU A 70 2.00 18.56 -0.87
C LEU A 70 0.64 19.26 -0.77
N LEU A 71 -0.43 18.49 -0.95
CA LEU A 71 -1.77 19.02 -0.74
C LEU A 71 -2.32 18.33 0.51
N VAL A 72 -2.91 19.09 1.42
CA VAL A 72 -3.51 18.47 2.60
C VAL A 72 -4.94 18.99 2.75
N ALA A 73 -5.86 18.12 3.11
CA ALA A 73 -7.26 18.54 3.18
C ALA A 73 -7.96 17.70 4.25
N TRP A 74 -9.02 18.28 4.80
CA TRP A 74 -9.85 17.52 5.73
C TRP A 74 -11.24 18.15 5.72
N ALA A 75 -12.20 17.38 6.20
CA ALA A 75 -13.56 17.89 6.30
C ALA A 75 -13.73 18.59 7.65
N ASN A 76 -14.35 19.77 7.63
CA ASN A 76 -14.64 20.43 8.91
C ASN A 76 -16.13 20.73 8.90
N GLY A 77 -16.95 19.85 9.47
CA GLY A 77 -18.38 20.04 9.21
C GLY A 77 -18.70 19.88 7.74
N ASN A 78 -19.38 20.87 7.17
CA ASN A 78 -19.78 20.84 5.76
C ASN A 78 -18.84 21.60 4.85
N GLN A 79 -17.63 21.86 5.35
CA GLN A 79 -16.63 22.51 4.52
C GLN A 79 -15.37 21.66 4.40
N ILE A 80 -14.70 21.80 3.27
CA ILE A 80 -13.37 21.24 3.12
C ILE A 80 -12.34 22.30 3.50
N VAL A 81 -11.44 21.97 4.41
CA VAL A 81 -10.32 22.85 4.74
C VAL A 81 -9.10 22.31 4.02
N SER A 82 -8.39 23.13 3.25
CA SER A 82 -7.23 22.57 2.52
C SER A 82 -6.11 23.58 2.44
N SER A 83 -4.93 23.09 2.11
CA SER A 83 -3.74 23.92 2.08
C SER A 83 -2.65 23.27 1.24
N THR A 84 -1.75 24.11 0.77
CA THR A 84 -0.54 23.63 0.09
C THR A 84 0.57 23.66 1.13
N ARG A 85 1.35 22.57 1.20
CA ARG A 85 2.39 22.44 2.19
C ARG A 85 3.70 22.00 1.55
N TRP A 86 4.74 22.09 2.36
CA TRP A 86 6.06 21.68 1.91
C TRP A 86 6.80 21.10 3.11
N ALA A 87 7.55 20.02 2.87
CA ALA A 87 8.24 19.44 4.04
C ALA A 87 9.74 19.49 3.77
N THR A 88 10.40 20.00 4.80
CA THR A 88 11.85 19.92 4.91
C THR A 88 12.05 18.88 6.01
N GLY A 89 12.54 17.70 5.65
CA GLY A 89 12.61 16.60 6.58
C GLY A 89 11.27 15.97 6.91
N TYR A 90 11.38 14.88 7.64
CA TYR A 90 10.22 14.10 8.05
C TYR A 90 9.60 14.69 9.30
N VAL A 91 9.11 15.91 9.18
CA VAL A 91 8.49 16.62 10.29
C VAL A 91 7.29 17.39 9.76
N GLN A 92 6.50 17.99 10.63
CA GLN A 92 5.36 18.80 10.30
C GLN A 92 5.57 19.64 9.05
N PRO A 93 4.94 19.32 7.93
CA PRO A 93 5.02 20.17 6.75
C PRO A 93 4.40 21.54 7.00
N THR A 94 5.03 22.57 6.42
CA THR A 94 4.56 23.92 6.69
C THR A 94 3.98 24.54 5.43
N ALA A 95 3.47 25.75 5.51
CA ALA A 95 2.80 26.35 4.37
C ALA A 95 3.77 26.49 3.20
N TYR A 96 3.36 26.08 2.01
CA TYR A 96 4.14 26.28 0.79
C TYR A 96 4.25 27.75 0.44
N THR A 97 5.41 28.20 0.01
CA THR A 97 5.60 29.63 -0.24
C THR A 97 5.57 29.95 -1.73
N GLY A 98 5.38 28.92 -2.56
CA GLY A 98 5.36 29.15 -3.99
C GLY A 98 3.99 29.58 -4.47
N THR A 99 3.88 29.58 -5.79
CA THR A 99 2.69 29.97 -6.52
C THR A 99 1.89 28.72 -6.88
N ALA A 100 0.94 28.44 -6.03
CA ALA A 100 0.07 27.28 -6.16
C ALA A 100 -1.23 27.71 -5.49
N THR A 101 -2.28 27.67 -6.29
CA THR A 101 -3.60 28.08 -5.83
C THR A 101 -4.57 26.92 -5.89
N LEU A 102 -5.09 26.52 -4.74
CA LEU A 102 -6.08 25.48 -4.54
C LEU A 102 -7.47 26.12 -4.51
N THR A 103 -8.32 25.74 -5.44
CA THR A 103 -9.68 26.22 -5.45
C THR A 103 -10.62 25.04 -5.24
N THR A 104 -11.51 25.14 -4.27
CA THR A 104 -12.53 24.08 -4.11
C THR A 104 -13.61 24.27 -5.16
N LEU A 105 -13.87 23.27 -5.99
CA LEU A 105 -14.88 23.41 -7.04
C LEU A 105 -16.27 23.05 -6.52
N PRO A 106 -17.31 23.62 -7.13
CA PRO A 106 -18.67 23.47 -6.60
C PRO A 106 -19.15 22.03 -6.60
N GLU A 107 -18.52 21.11 -7.31
CA GLU A 107 -18.94 19.70 -7.27
C GLU A 107 -18.56 19.02 -5.95
N THR A 108 -17.74 19.66 -5.14
CA THR A 108 -17.38 19.18 -3.81
C THR A 108 -18.60 18.88 -2.96
N THR A 109 -18.69 17.75 -2.31
CA THR A 109 -19.87 17.29 -1.60
C THR A 109 -19.47 16.66 -0.28
N ILE A 110 -20.19 17.01 0.78
CA ILE A 110 -19.97 16.29 2.04
C ILE A 110 -21.30 15.71 2.49
N ASN A 111 -21.37 14.40 2.69
CA ASN A 111 -22.64 13.82 3.11
C ASN A 111 -22.40 12.99 4.35
N SER A 112 -23.35 12.14 4.73
CA SER A 112 -23.15 11.51 6.03
C SER A 112 -22.09 10.42 5.99
N THR A 113 -21.72 9.93 4.81
CA THR A 113 -20.79 8.81 4.78
C THR A 113 -19.44 9.14 4.17
N HIS A 114 -19.38 10.16 3.34
CA HIS A 114 -18.15 10.50 2.64
C HIS A 114 -17.95 12.00 2.50
N TRP A 115 -16.70 12.37 2.36
CA TRP A 115 -16.41 13.71 1.84
C TRP A 115 -15.70 13.54 0.49
N LYS A 116 -16.17 14.33 -0.44
CA LYS A 116 -15.72 14.36 -1.82
C LYS A 116 -15.21 15.75 -2.14
N TRP A 117 -13.89 15.86 -2.17
CA TRP A 117 -13.23 17.14 -2.44
C TRP A 117 -12.84 17.24 -3.90
N VAL A 118 -13.47 18.13 -4.64
CA VAL A 118 -13.11 18.37 -6.04
C VAL A 118 -12.44 19.73 -6.13
N PHE A 119 -11.20 19.73 -6.64
CA PHE A 119 -10.43 20.97 -6.55
C PHE A 119 -9.68 21.27 -7.84
N ARG A 120 -9.40 22.56 -7.98
CA ARG A 120 -8.51 23.02 -9.04
C ARG A 120 -7.19 23.41 -8.38
N CYS A 121 -6.10 22.96 -8.97
CA CYS A 121 -4.77 23.29 -8.43
C CYS A 121 -4.00 24.07 -9.47
N GLN A 122 -3.96 25.41 -9.35
CA GLN A 122 -3.25 26.21 -10.33
C GLN A 122 -1.80 26.39 -9.88
N GLY A 123 -0.90 26.34 -10.85
CA GLY A 123 0.54 26.42 -10.60
C GLY A 123 1.04 25.21 -9.84
N CYS A 124 0.38 24.06 -9.99
CA CYS A 124 0.79 22.93 -9.13
C CYS A 124 1.68 21.91 -9.79
N THR A 125 1.96 22.05 -11.09
CA THR A 125 2.86 21.12 -11.74
C THR A 125 4.31 21.61 -11.71
N GLU A 126 4.52 22.88 -11.36
CA GLU A 126 5.88 23.38 -11.28
C GLU A 126 6.08 24.18 -10.00
N TRP A 127 7.14 23.89 -9.24
CA TRP A 127 7.26 24.42 -7.87
C TRP A 127 8.41 25.40 -7.74
N ASN A 128 8.44 26.13 -6.62
CA ASN A 128 9.43 27.20 -6.57
C ASN A 128 10.78 26.69 -6.13
N ASN A 129 10.98 25.38 -6.03
CA ASN A 129 12.31 24.85 -5.79
C ASN A 129 12.94 24.46 -7.13
N GLY A 130 12.24 24.72 -8.23
CA GLY A 130 12.72 24.37 -9.55
C GLY A 130 12.22 23.02 -10.01
N GLY A 131 11.58 22.23 -9.14
CA GLY A 131 11.14 20.90 -9.57
C GLY A 131 9.68 20.90 -9.99
N GLY A 132 9.12 19.72 -10.23
CA GLY A 132 7.71 19.67 -10.62
C GLY A 132 7.41 18.33 -11.28
N ILE A 133 6.29 18.27 -11.98
CA ILE A 133 5.84 17.07 -12.68
C ILE A 133 5.92 17.27 -14.18
N ASP A 134 6.25 16.23 -14.92
CA ASP A 134 6.22 16.30 -16.39
C ASP A 134 4.91 15.70 -16.89
N VAL A 135 3.97 16.53 -17.34
CA VAL A 135 2.64 16.03 -17.69
C VAL A 135 2.59 15.27 -19.01
N THR A 136 3.73 15.10 -19.66
CA THR A 136 3.76 14.32 -20.90
C THR A 136 4.34 12.93 -20.64
N SER A 137 4.75 12.63 -19.41
CA SER A 137 5.37 11.34 -19.18
C SER A 137 4.76 10.60 -18.00
N GLN A 138 5.51 9.65 -17.46
CA GLN A 138 5.03 8.76 -16.42
C GLN A 138 5.68 9.09 -15.09
N GLY A 139 4.88 9.09 -14.02
CA GLY A 139 5.48 9.44 -12.73
C GLY A 139 4.85 8.64 -11.62
N VAL A 140 5.16 9.05 -10.40
CA VAL A 140 4.63 8.43 -9.19
C VAL A 140 3.99 9.47 -8.30
N LEU A 141 2.79 9.18 -7.81
CA LEU A 141 2.14 10.05 -6.84
C LEU A 141 2.12 9.36 -5.50
N ALA A 142 1.97 10.08 -4.39
CA ALA A 142 1.82 9.36 -3.12
C ALA A 142 0.69 10.04 -2.36
N TRP A 143 0.12 9.35 -1.39
CA TRP A 143 -0.97 9.84 -0.55
C TRP A 143 -0.59 9.55 0.90
N ALA A 144 -1.15 10.32 1.82
CA ALA A 144 -0.94 10.11 3.23
C ALA A 144 -2.33 10.13 3.88
N PHE A 145 -2.51 9.33 4.90
CA PHE A 145 -3.81 9.15 5.52
C PHE A 145 -3.67 9.26 7.02
N SER A 146 -4.68 9.86 7.67
CA SER A 146 -4.73 9.77 9.13
C SER A 146 -6.16 9.52 9.59
N ASN A 147 -6.33 8.71 10.63
CA ASN A 147 -7.68 8.61 11.19
C ASN A 147 -7.83 9.41 12.46
N VAL A 148 -6.87 10.28 12.74
CA VAL A 148 -6.85 11.16 13.90
C VAL A 148 -6.98 12.61 13.46
N ALA A 149 -7.89 13.37 14.04
CA ALA A 149 -8.14 14.74 13.60
C ALA A 149 -6.93 15.66 13.72
N VAL A 150 -6.92 16.74 12.93
CA VAL A 150 -5.83 17.71 13.00
C VAL A 150 -5.97 18.51 14.29
N ASP A 151 -4.94 19.24 14.72
CA ASP A 151 -5.06 19.89 16.04
C ASP A 151 -6.08 21.00 16.03
N ASP A 152 -6.30 21.72 14.96
CA ASP A 152 -7.34 22.74 14.90
C ASP A 152 -8.02 22.71 13.54
N PRO A 153 -9.09 21.95 13.42
CA PRO A 153 -9.72 21.77 12.10
C PRO A 153 -10.15 23.05 11.44
N SER A 154 -10.34 24.15 12.16
CA SER A 154 -10.77 25.35 11.41
C SER A 154 -9.60 26.10 10.80
N ASP A 155 -8.36 25.75 11.15
CA ASP A 155 -7.19 26.44 10.63
C ASP A 155 -6.54 25.71 9.45
N PRO A 156 -6.53 26.25 8.24
CA PRO A 156 -5.95 25.54 7.10
C PRO A 156 -4.49 25.20 7.34
N GLN A 157 -3.84 26.01 8.20
CA GLN A 157 -2.43 25.77 8.50
C GLN A 157 -2.25 25.03 9.81
N SER A 158 -3.33 24.39 10.26
CA SER A 158 -3.23 23.55 11.46
C SER A 158 -2.06 22.58 11.44
N THR A 159 -1.48 22.39 12.62
CA THR A 159 -0.54 21.29 12.82
C THR A 159 -1.34 19.99 12.97
N PHE A 160 -0.65 18.86 12.89
CA PHE A 160 -1.34 17.58 13.08
C PHE A 160 -0.31 16.49 13.31
N SER A 161 -0.79 15.27 13.57
CA SER A 161 0.13 14.17 13.86
C SER A 161 0.56 13.44 12.61
N GLU A 162 1.67 12.74 12.65
CA GLU A 162 2.10 11.91 11.53
C GLU A 162 1.00 11.02 11.01
N HIS A 163 0.98 10.84 9.69
CA HIS A 163 -0.02 9.96 9.07
C HIS A 163 0.01 8.56 9.68
N THR A 164 -1.13 7.86 9.70
CA THR A 164 -1.14 6.46 10.13
C THR A 164 -0.86 5.51 8.97
N ASP A 165 -0.96 5.97 7.74
CA ASP A 165 -0.64 5.14 6.58
C ASP A 165 -0.21 6.07 5.43
N PHE A 166 0.49 5.52 4.46
CA PHE A 166 0.83 6.27 3.25
C PHE A 166 0.97 5.25 2.12
N GLY A 167 0.85 5.66 0.87
CA GLY A 167 0.97 4.73 -0.26
C GLY A 167 1.38 5.50 -1.51
N PHE A 168 1.68 4.74 -2.55
CA PHE A 168 2.17 5.22 -3.83
C PHE A 168 1.38 4.65 -4.98
N PHE A 169 1.44 5.34 -6.11
CA PHE A 169 0.90 4.73 -7.33
C PHE A 169 1.54 5.39 -8.55
N GLY A 170 1.75 4.58 -9.57
CA GLY A 170 2.28 5.10 -10.84
C GLY A 170 1.15 5.68 -11.64
N ILE A 171 1.47 6.73 -12.39
CA ILE A 171 0.47 7.40 -13.20
C ILE A 171 1.12 7.78 -14.53
N ASP A 172 0.37 7.51 -15.59
CA ASP A 172 0.87 7.92 -16.90
C ASP A 172 0.19 9.25 -17.18
N TYR A 173 0.93 10.34 -16.95
CA TYR A 173 0.34 11.67 -17.12
C TYR A 173 -0.05 11.92 -18.57
N SER A 174 0.66 11.27 -19.50
CA SER A 174 0.32 11.53 -20.91
C SER A 174 -1.10 11.13 -21.26
N THR A 175 -1.68 10.19 -20.51
CA THR A 175 -3.06 9.82 -20.84
C THR A 175 -4.08 10.38 -19.88
N ALA A 176 -3.65 11.33 -19.05
CA ALA A 176 -4.54 11.92 -18.04
C ALA A 176 -5.06 13.28 -18.44
N HIS A 177 -4.99 13.62 -19.72
CA HIS A 177 -5.48 14.91 -20.21
C HIS A 177 -6.90 14.77 -20.73
N SER A 178 -7.73 15.80 -20.62
CA SER A 178 -9.11 15.69 -21.08
C SER A 178 -9.56 16.88 -21.92
N ALA A 179 -10.17 16.64 -23.06
CA ALA A 179 -10.77 17.69 -23.87
C ALA A 179 -11.91 18.38 -23.11
N ASN A 180 -12.43 17.75 -22.08
CA ASN A 180 -13.51 18.38 -21.33
C ASN A 180 -13.05 19.22 -20.14
N TYR A 181 -11.75 19.40 -19.98
CA TYR A 181 -11.22 20.15 -18.84
C TYR A 181 -11.88 21.51 -18.68
N GLN A 182 -12.04 22.28 -19.76
CA GLN A 182 -12.71 23.58 -19.66
C GLN A 182 -14.11 23.44 -19.07
N ASN A 183 -14.82 22.40 -19.50
CA ASN A 183 -16.16 22.19 -18.98
C ASN A 183 -16.17 21.88 -17.48
N TYR A 184 -15.13 21.22 -16.99
CA TYR A 184 -15.00 20.95 -15.57
C TYR A 184 -14.80 22.25 -14.78
N LEU A 185 -14.17 23.23 -15.41
CA LEU A 185 -13.92 24.51 -14.76
C LEU A 185 -15.16 25.38 -14.73
N ASN A 186 -16.10 25.19 -15.65
CA ASN A 186 -17.31 26.00 -15.67
C ASN A 186 -18.36 25.45 -14.70
N SER B 2 5.58 -4.02 -6.42
CA SER B 2 6.24 -5.08 -7.17
C SER B 2 7.39 -5.68 -6.40
N ALA B 3 7.46 -7.01 -6.32
CA ALA B 3 8.56 -7.65 -5.63
C ALA B 3 9.87 -7.51 -6.38
N SER B 4 10.99 -7.68 -5.69
CA SER B 4 12.30 -7.71 -6.34
C SER B 4 13.21 -8.68 -5.61
N GLN B 5 14.33 -9.04 -6.22
CA GLN B 5 15.25 -9.96 -5.55
C GLN B 5 16.13 -9.21 -4.56
N PHE B 6 16.47 -9.87 -3.46
CA PHE B 6 17.33 -9.29 -2.43
C PHE B 6 18.00 -10.44 -1.69
N THR B 7 19.07 -10.07 -1.00
CA THR B 7 19.83 -11.05 -0.24
C THR B 7 19.68 -10.84 1.25
N ASP B 8 19.47 -11.91 2.01
CA ASP B 8 19.45 -11.65 3.45
C ASP B 8 20.87 -11.39 3.95
N PRO B 9 21.09 -10.27 4.60
CA PRO B 9 22.45 -9.85 4.98
C PRO B 9 23.15 -10.87 5.86
N THR B 10 22.45 -11.30 6.92
CA THR B 10 23.07 -12.25 7.84
C THR B 10 23.27 -13.63 7.23
N THR B 11 22.16 -14.27 6.88
CA THR B 11 22.15 -15.64 6.42
C THR B 11 22.62 -15.80 4.99
N GLY B 12 22.60 -14.69 4.24
CA GLY B 12 22.91 -14.76 2.83
C GLY B 12 21.84 -15.46 2.02
N PHE B 13 20.67 -15.80 2.59
CA PHE B 13 19.66 -16.38 1.69
C PHE B 13 19.25 -15.34 0.64
N GLN B 14 18.95 -15.81 -0.56
CA GLN B 14 18.50 -14.97 -1.67
C GLN B 14 16.99 -15.12 -1.83
N PHE B 15 16.27 -14.01 -1.69
CA PHE B 15 14.80 -14.10 -1.70
C PHE B 15 14.22 -13.19 -2.77
N THR B 16 12.94 -13.40 -3.04
CA THR B 16 12.18 -12.46 -3.84
C THR B 16 11.07 -11.91 -2.95
N GLY B 17 10.91 -10.60 -2.89
CA GLY B 17 9.82 -10.05 -2.10
C GLY B 17 9.88 -8.53 -2.02
N ILE B 18 9.45 -7.98 -0.89
CA ILE B 18 9.36 -6.54 -0.73
C ILE B 18 9.57 -6.16 0.73
N THR B 19 9.78 -4.86 0.92
CA THR B 19 9.71 -4.28 2.25
C THR B 19 8.56 -3.27 2.20
N ASP B 20 7.59 -3.45 3.08
CA ASP B 20 6.49 -2.50 3.18
C ASP B 20 7.02 -1.28 3.91
N PRO B 21 7.09 -0.12 3.28
CA PRO B 21 7.73 1.03 3.93
C PRO B 21 6.95 1.59 5.10
N VAL B 22 5.64 1.37 5.18
CA VAL B 22 4.88 1.95 6.28
C VAL B 22 5.21 1.26 7.60
N HIS B 23 5.23 -0.08 7.61
CA HIS B 23 5.48 -0.80 8.85
C HIS B 23 6.88 -1.40 8.88
N ASP B 24 7.59 -1.23 7.77
CA ASP B 24 8.95 -1.71 7.56
C ASP B 24 9.10 -3.20 7.85
N VAL B 25 8.13 -3.94 7.33
CA VAL B 25 8.15 -5.39 7.37
C VAL B 25 8.65 -5.89 6.01
N THR B 26 9.67 -6.76 6.05
CA THR B 26 10.17 -7.38 4.84
C THR B 26 9.57 -8.77 4.67
N TYR B 27 9.12 -9.06 3.47
CA TYR B 27 8.54 -10.37 3.13
C TYR B 27 9.39 -10.99 2.03
N GLY B 28 9.97 -12.17 2.28
CA GLY B 28 10.80 -12.74 1.21
C GLY B 28 10.40 -14.20 0.97
N PHE B 29 10.48 -14.63 -0.29
CA PHE B 29 10.15 -15.97 -0.71
C PHE B 29 11.23 -16.57 -1.60
N VAL B 30 11.50 -17.86 -1.41
CA VAL B 30 12.40 -18.51 -2.38
C VAL B 30 11.86 -19.91 -2.63
N PHE B 31 12.01 -20.39 -3.85
CA PHE B 31 11.42 -21.66 -4.25
C PHE B 31 12.48 -22.64 -4.74
N PRO B 32 12.19 -23.94 -4.62
CA PRO B 32 13.09 -24.96 -5.13
C PRO B 32 13.29 -24.81 -6.64
N PRO B 33 14.31 -25.46 -7.21
CA PRO B 33 14.55 -25.38 -8.65
C PRO B 33 13.31 -25.75 -9.46
N LEU B 34 13.05 -24.98 -10.51
CA LEU B 34 11.98 -25.28 -11.43
C LEU B 34 12.14 -26.67 -12.03
N ALA B 35 11.08 -27.46 -12.08
CA ALA B 35 11.20 -28.76 -12.75
C ALA B 35 10.64 -28.65 -14.16
N THR B 36 11.12 -29.47 -15.09
CA THR B 36 10.54 -29.53 -16.43
C THR B 36 10.01 -30.94 -16.66
N SER B 37 10.70 -31.96 -16.12
CA SER B 37 10.22 -33.33 -16.24
C SER B 37 9.33 -33.82 -15.12
N GLY B 38 9.10 -33.04 -14.07
CA GLY B 38 8.16 -33.42 -13.03
C GLY B 38 7.26 -32.24 -12.69
N ALA B 39 6.17 -32.50 -11.98
CA ALA B 39 5.31 -31.42 -11.52
C ALA B 39 6.11 -30.56 -10.55
N GLN B 40 5.73 -29.29 -10.40
CA GLN B 40 6.53 -28.43 -9.52
C GLN B 40 6.40 -28.88 -8.07
N SER B 41 7.41 -28.60 -7.28
CA SER B 41 7.36 -28.83 -5.84
C SER B 41 6.22 -28.03 -5.21
N THR B 42 5.73 -28.49 -4.06
CA THR B 42 4.66 -27.73 -3.40
C THR B 42 5.18 -26.98 -2.18
N GLU B 43 6.50 -26.93 -2.02
CA GLU B 43 7.02 -26.19 -0.87
C GLU B 43 7.76 -24.93 -1.26
N PHE B 44 8.01 -24.06 -0.26
CA PHE B 44 8.87 -22.92 -0.47
C PHE B 44 9.44 -22.49 0.88
N ILE B 45 10.38 -21.57 0.85
CA ILE B 45 10.90 -21.02 2.10
C ILE B 45 10.60 -19.52 2.10
N GLY B 46 10.20 -19.02 3.27
CA GLY B 46 9.87 -17.59 3.32
C GLY B 46 10.52 -16.95 4.51
N GLU B 47 10.52 -15.61 4.50
CA GLU B 47 10.96 -14.94 5.72
C GLU B 47 10.11 -13.70 5.92
N VAL B 48 9.86 -13.40 7.18
CA VAL B 48 9.21 -12.15 7.58
C VAL B 48 10.15 -11.48 8.58
N VAL B 49 10.60 -10.28 8.27
CA VAL B 49 11.40 -9.48 9.19
C VAL B 49 10.58 -8.28 9.64
N ALA B 50 10.21 -8.25 10.90
CA ALA B 50 9.21 -7.30 11.39
C ALA B 50 9.71 -6.57 12.63
N PRO B 51 9.49 -5.28 12.67
CA PRO B 51 9.75 -4.54 13.92
C PRO B 51 8.89 -5.12 15.02
N ILE B 52 9.38 -5.09 16.26
CA ILE B 52 8.68 -5.71 17.37
C ILE B 52 7.30 -5.13 17.60
N ALA B 53 7.05 -3.91 17.14
CA ALA B 53 5.72 -3.33 17.32
C ALA B 53 4.71 -4.04 16.41
N SER B 54 5.21 -4.84 15.47
CA SER B 54 4.29 -5.67 14.68
C SER B 54 3.76 -6.81 15.55
N LYS B 55 2.51 -6.75 15.96
CA LYS B 55 1.98 -7.71 16.91
C LYS B 55 1.49 -8.99 16.23
N TRP B 56 1.06 -8.89 14.98
CA TRP B 56 0.84 -10.10 14.18
C TRP B 56 0.93 -9.72 12.70
N ILE B 57 1.42 -10.69 11.92
CA ILE B 57 1.61 -10.52 10.51
C ILE B 57 0.91 -11.67 9.80
N GLY B 58 0.18 -11.41 8.72
CA GLY B 58 -0.38 -12.52 7.95
C GLY B 58 0.13 -12.45 6.52
N ILE B 59 0.21 -13.60 5.86
CA ILE B 59 0.55 -13.66 4.45
C ILE B 59 -0.59 -14.39 3.75
N ALA B 60 -1.14 -13.78 2.71
CA ALA B 60 -2.21 -14.44 1.96
C ALA B 60 -1.58 -14.94 0.67
N LEU B 61 -1.43 -16.26 0.53
CA LEU B 61 -0.62 -16.83 -0.54
C LEU B 61 -1.26 -16.70 -1.90
N GLY B 62 -2.56 -16.44 -1.98
CA GLY B 62 -3.13 -16.23 -3.32
C GLY B 62 -3.50 -14.77 -3.51
N GLY B 63 -3.08 -13.88 -2.60
CA GLY B 63 -3.26 -12.46 -2.81
C GLY B 63 -4.59 -11.91 -2.37
N ALA B 64 -5.40 -12.69 -1.65
CA ALA B 64 -6.73 -12.24 -1.22
C ALA B 64 -7.01 -12.81 0.16
N MET B 65 -7.96 -12.22 0.88
CA MET B 65 -8.22 -12.79 2.20
C MET B 65 -8.94 -14.13 2.14
N ASN B 66 -9.89 -14.27 1.23
CA ASN B 66 -10.76 -15.46 1.32
C ASN B 66 -10.41 -16.53 0.29
N ASN B 67 -10.60 -17.78 0.69
CA ASN B 67 -10.42 -18.94 -0.15
C ASN B 67 -9.01 -19.05 -0.72
N ASP B 68 -8.03 -18.76 0.14
CA ASP B 68 -6.66 -19.11 -0.20
C ASP B 68 -5.89 -19.37 1.07
N LEU B 69 -4.77 -20.07 0.95
CA LEU B 69 -4.00 -20.41 2.15
C LEU B 69 -3.40 -19.17 2.78
N LEU B 70 -3.63 -19.02 4.07
CA LEU B 70 -3.06 -17.92 4.85
C LEU B 70 -2.01 -18.43 5.84
N LEU B 71 -0.93 -17.68 5.98
CA LEU B 71 0.04 -17.91 7.03
C LEU B 71 -0.10 -16.78 8.05
N VAL B 72 -0.11 -17.11 9.34
CA VAL B 72 -0.21 -16.07 10.36
C VAL B 72 0.86 -16.30 11.42
N ALA B 73 1.56 -15.25 11.83
CA ALA B 73 2.64 -15.45 12.80
C ALA B 73 2.74 -14.26 13.75
N TRP B 74 3.21 -14.54 14.96
CA TRP B 74 3.52 -13.45 15.88
C TRP B 74 4.65 -13.91 16.81
N ALA B 75 5.29 -12.91 17.41
CA ALA B 75 6.31 -13.24 18.40
C ALA B 75 5.63 -13.37 19.76
N ASN B 76 5.96 -14.42 20.50
CA ASN B 76 5.49 -14.49 21.88
C ASN B 76 6.71 -14.67 22.77
N GLY B 77 7.25 -13.58 23.31
CA GLY B 77 8.50 -13.71 24.06
C GLY B 77 9.65 -14.10 23.15
N ASN B 78 10.30 -15.23 23.44
CA ASN B 78 11.49 -15.59 22.66
C ASN B 78 11.14 -16.56 21.55
N GLN B 79 9.86 -16.80 21.30
CA GLN B 79 9.53 -17.76 20.24
C GLN B 79 8.55 -17.16 19.24
N ILE B 80 8.55 -17.71 18.03
CA ILE B 80 7.51 -17.38 17.06
C ILE B 80 6.35 -18.36 17.16
N VAL B 81 5.13 -17.83 17.20
CA VAL B 81 3.94 -18.66 17.12
C VAL B 81 3.34 -18.52 15.72
N SER B 82 3.02 -19.65 15.07
CA SER B 82 2.58 -19.50 13.68
C SER B 82 1.54 -20.54 13.33
N SER B 83 0.78 -20.27 12.26
CA SER B 83 -0.28 -21.20 11.87
C SER B 83 -0.66 -21.01 10.40
N THR B 84 -1.21 -22.08 9.83
CA THR B 84 -1.83 -21.99 8.52
C THR B 84 -3.34 -21.85 8.74
N ARG B 85 -3.96 -20.91 8.04
CA ARG B 85 -5.35 -20.57 8.24
C ARG B 85 -6.06 -20.39 6.90
N TRP B 86 -7.37 -20.21 7.01
CA TRP B 86 -8.22 -20.11 5.82
C TRP B 86 -9.41 -19.25 6.22
N ALA B 87 -9.92 -18.44 5.29
CA ALA B 87 -11.10 -17.66 5.62
C ALA B 87 -12.13 -17.76 4.50
N THR B 88 -13.40 -17.71 4.89
CA THR B 88 -14.45 -17.45 3.92
C THR B 88 -15.13 -16.17 4.42
N GLY B 89 -15.67 -15.34 3.58
CA GLY B 89 -16.40 -14.17 3.95
C GLY B 89 -15.87 -13.20 4.97
N TYR B 90 -14.62 -12.80 5.05
CA TYR B 90 -14.05 -11.68 5.77
C TYR B 90 -14.32 -11.73 7.27
N VAL B 91 -14.13 -12.91 7.85
CA VAL B 91 -14.20 -13.02 9.31
C VAL B 91 -12.94 -13.74 9.79
N GLN B 92 -12.74 -13.79 11.09
CA GLN B 92 -11.67 -14.50 11.75
C GLN B 92 -11.27 -15.77 11.00
N PRO B 93 -10.12 -15.77 10.37
CA PRO B 93 -9.62 -16.98 9.71
C PRO B 93 -9.34 -18.08 10.74
N THR B 94 -9.62 -19.31 10.34
CA THR B 94 -9.45 -20.43 11.26
C THR B 94 -8.47 -21.43 10.69
N ALA B 95 -8.12 -22.43 11.47
CA ALA B 95 -7.15 -23.43 11.10
C ALA B 95 -7.43 -24.02 9.72
N TYR B 96 -6.38 -24.12 8.90
CA TYR B 96 -6.50 -24.68 7.56
C TYR B 96 -6.80 -26.18 7.65
N THR B 97 -7.71 -26.69 6.83
CA THR B 97 -8.15 -28.06 6.98
C THR B 97 -7.40 -28.99 6.04
N GLY B 98 -6.51 -28.44 5.21
CA GLY B 98 -5.75 -29.28 4.31
C GLY B 98 -4.43 -29.69 4.94
N THR B 99 -3.56 -30.31 4.17
CA THR B 99 -2.21 -30.67 4.55
C THR B 99 -1.21 -29.59 4.16
N ALA B 100 -0.63 -29.02 5.20
CA ALA B 100 0.34 -27.95 5.00
C ALA B 100 1.19 -27.91 6.27
N THR B 101 2.49 -27.96 6.09
CA THR B 101 3.43 -28.04 7.20
C THR B 101 4.32 -26.83 7.25
N LEU B 102 4.20 -26.04 8.32
CA LEU B 102 5.03 -24.90 8.62
C LEU B 102 6.17 -25.29 9.55
N THR B 103 7.40 -25.14 9.09
CA THR B 103 8.53 -25.40 9.96
C THR B 103 9.33 -24.13 10.18
N THR B 104 9.40 -23.70 11.43
CA THR B 104 10.29 -22.56 11.74
C THR B 104 11.72 -23.00 11.58
N LEU B 105 12.53 -22.32 10.78
CA LEU B 105 13.93 -22.68 10.58
C LEU B 105 14.83 -22.02 11.60
N PRO B 106 16.05 -22.49 11.79
CA PRO B 106 16.86 -21.99 12.91
C PRO B 106 17.45 -20.61 12.63
N GLU B 107 17.35 -20.12 11.40
CA GLU B 107 17.75 -18.75 11.10
C GLU B 107 16.83 -17.73 11.76
N THR B 108 15.70 -18.19 12.27
CA THR B 108 14.72 -17.39 12.95
C THR B 108 15.30 -16.69 14.17
N THR B 109 15.03 -15.39 14.32
CA THR B 109 15.66 -14.67 15.42
C THR B 109 14.67 -13.71 16.04
N ILE B 110 14.75 -13.57 17.36
CA ILE B 110 13.98 -12.50 17.99
C ILE B 110 14.95 -11.64 18.78
N ASN B 111 15.04 -10.34 18.51
CA ASN B 111 15.92 -9.55 19.40
C ASN B 111 15.13 -8.38 19.93
N SER B 112 15.82 -7.33 20.40
CA SER B 112 15.05 -6.27 21.05
C SER B 112 14.29 -5.40 20.07
N THR B 113 14.70 -5.28 18.81
CA THR B 113 13.94 -4.39 17.93
C THR B 113 13.15 -5.12 16.84
N HIS B 114 13.44 -6.39 16.59
CA HIS B 114 12.77 -7.06 15.47
C HIS B 114 12.58 -8.54 15.76
N TRP B 115 11.55 -9.08 15.11
CA TRP B 115 11.48 -10.55 15.03
C TRP B 115 11.67 -10.90 13.56
N LYS B 116 12.50 -11.92 13.34
CA LYS B 116 12.75 -12.45 12.01
C LYS B 116 12.35 -13.93 11.98
N TRP B 117 11.24 -14.20 11.30
CA TRP B 117 10.71 -15.54 11.13
C TRP B 117 11.12 -16.13 9.78
N VAL B 118 11.95 -17.17 9.81
CA VAL B 118 12.37 -17.91 8.63
C VAL B 118 11.73 -19.28 8.70
N PHE B 119 11.00 -19.64 7.65
CA PHE B 119 10.17 -20.85 7.71
C PHE B 119 10.21 -21.61 6.41
N ARG B 120 9.90 -22.88 6.56
CA ARG B 120 9.67 -23.78 5.44
C ARG B 120 8.17 -24.02 5.42
N CYS B 121 7.59 -24.03 4.23
CA CYS B 121 6.15 -24.22 4.09
C CYS B 121 5.93 -25.40 3.16
N GLN B 122 5.59 -26.58 3.66
CA GLN B 122 5.43 -27.72 2.76
C GLN B 122 3.93 -27.92 2.45
N GLY B 123 3.63 -28.18 1.18
CA GLY B 123 2.24 -28.37 0.74
C GLY B 123 1.53 -27.03 0.65
N CYS B 124 2.29 -25.94 0.49
CA CYS B 124 1.63 -24.63 0.56
C CYS B 124 1.29 -24.01 -0.77
N THR B 125 1.76 -24.59 -1.88
CA THR B 125 1.43 -24.03 -3.19
C THR B 125 0.19 -24.66 -3.79
N GLU B 126 -0.31 -25.75 -3.22
CA GLU B 126 -1.50 -26.40 -3.75
C GLU B 126 -2.45 -26.70 -2.60
N TRP B 127 -3.70 -26.30 -2.72
CA TRP B 127 -4.57 -26.30 -1.55
C TRP B 127 -5.71 -27.30 -1.70
N ASN B 128 -6.36 -27.61 -0.58
CA ASN B 128 -7.28 -28.75 -0.61
C ASN B 128 -8.62 -28.39 -1.19
N ASN B 129 -8.76 -27.17 -1.72
CA ASN B 129 -9.98 -26.89 -2.49
C ASN B 129 -9.75 -27.03 -3.99
N GLY B 130 -8.54 -27.40 -4.39
CA GLY B 130 -8.11 -27.48 -5.76
C GLY B 130 -7.45 -26.19 -6.23
N GLY B 131 -7.36 -25.19 -5.37
CA GLY B 131 -6.73 -23.93 -5.72
C GLY B 131 -5.23 -23.98 -5.47
N GLY B 132 -4.53 -22.88 -5.75
CA GLY B 132 -3.10 -22.91 -5.45
C GLY B 132 -2.41 -21.77 -6.17
N ILE B 133 -1.08 -21.80 -6.14
CA ILE B 133 -0.21 -20.83 -6.77
C ILE B 133 0.45 -21.45 -7.99
N ASP B 134 0.64 -20.74 -9.09
CA ASP B 134 1.46 -21.28 -10.18
C ASP B 134 2.87 -20.72 -10.08
N VAL B 135 3.80 -21.55 -9.61
CA VAL B 135 5.16 -21.08 -9.36
C VAL B 135 5.96 -20.89 -10.63
N THR B 136 5.34 -21.14 -11.80
CA THR B 136 6.12 -20.87 -13.01
C THR B 136 5.65 -19.56 -13.64
N SER B 137 4.66 -18.90 -13.04
CA SER B 137 4.19 -17.68 -13.70
C SER B 137 4.10 -16.51 -12.73
N GLN B 138 3.35 -15.49 -13.10
CA GLN B 138 3.31 -14.25 -12.34
C GLN B 138 2.10 -14.25 -11.42
N GLY B 139 2.27 -13.78 -10.19
CA GLY B 139 1.12 -13.81 -9.31
C GLY B 139 1.10 -12.56 -8.43
N VAL B 140 0.11 -12.55 -7.56
CA VAL B 140 -0.03 -11.51 -6.56
C VAL B 140 -0.03 -12.14 -5.16
N LEU B 141 0.75 -11.56 -4.27
CA LEU B 141 0.76 -11.91 -2.87
C LEU B 141 0.13 -10.79 -2.06
N ALA B 142 -0.39 -11.11 -0.87
CA ALA B 142 -0.86 -10.02 -0.03
C ALA B 142 -0.36 -10.26 1.38
N TRP B 143 -0.32 -9.22 2.21
CA TRP B 143 0.07 -9.28 3.60
C TRP B 143 -0.97 -8.53 4.44
N ALA B 144 -1.03 -8.82 5.73
CA ALA B 144 -1.91 -8.15 6.65
C ALA B 144 -1.09 -7.84 7.89
N PHE B 145 -1.35 -6.70 8.52
CA PHE B 145 -0.57 -6.21 9.64
C PHE B 145 -1.51 -5.81 10.77
N SER B 146 -1.07 -6.08 11.99
CA SER B 146 -1.73 -5.47 13.14
C SER B 146 -0.71 -5.02 14.19
N ASN B 147 -1.05 -3.90 14.85
CA ASN B 147 -0.17 -3.48 15.95
C ASN B 147 -0.86 -3.74 17.29
N VAL B 148 -1.92 -4.53 17.26
CA VAL B 148 -2.66 -4.99 18.42
C VAL B 148 -2.44 -6.48 18.65
N ALA B 149 -1.95 -6.89 19.81
CA ALA B 149 -1.62 -8.31 19.97
C ALA B 149 -2.83 -9.23 19.88
N VAL B 150 -2.54 -10.50 19.62
CA VAL B 150 -3.60 -11.52 19.49
C VAL B 150 -4.24 -11.81 20.83
N ASP B 151 -5.44 -12.38 20.83
CA ASP B 151 -6.15 -12.58 22.10
C ASP B 151 -5.38 -13.48 23.04
N ASP B 152 -4.67 -14.47 22.52
CA ASP B 152 -4.03 -15.47 23.35
C ASP B 152 -2.71 -15.90 22.73
N PRO B 153 -1.65 -15.13 22.96
CA PRO B 153 -0.42 -15.29 22.19
C PRO B 153 0.24 -16.64 22.36
N SER B 154 -0.05 -17.44 23.39
CA SER B 154 0.68 -18.72 23.37
C SER B 154 -0.10 -19.76 22.56
N ASP B 155 -1.31 -19.43 22.12
CA ASP B 155 -2.09 -20.38 21.31
C ASP B 155 -1.93 -20.15 19.81
N PRO B 156 -1.31 -21.04 19.05
CA PRO B 156 -1.19 -20.87 17.60
C PRO B 156 -2.53 -20.61 16.94
N GLN B 157 -3.62 -21.10 17.53
CA GLN B 157 -4.94 -20.92 16.97
C GLN B 157 -5.69 -19.75 17.62
N SER B 158 -4.98 -18.88 18.30
CA SER B 158 -5.63 -17.73 18.91
C SER B 158 -6.50 -16.94 17.97
N THR B 159 -7.58 -16.37 18.50
CA THR B 159 -8.37 -15.40 17.75
C THR B 159 -7.68 -14.03 17.80
N PHE B 160 -8.17 -13.10 17.00
CA PHE B 160 -7.58 -11.75 17.05
C PHE B 160 -8.47 -10.77 16.30
N SER B 161 -8.09 -9.50 16.35
CA SER B 161 -8.93 -8.46 15.75
C SER B 161 -8.44 -8.16 14.34
N GLU B 162 -9.30 -7.60 13.52
CA GLU B 162 -8.98 -7.30 12.14
C GLU B 162 -7.68 -6.49 12.01
N HIS B 163 -6.97 -6.77 10.91
CA HIS B 163 -5.73 -6.05 10.65
C HIS B 163 -5.99 -4.55 10.56
N THR B 164 -4.95 -3.78 10.90
CA THR B 164 -5.00 -2.33 10.80
C THR B 164 -4.50 -1.87 9.44
N ASP B 165 -3.77 -2.74 8.73
CA ASP B 165 -3.34 -2.40 7.37
C ASP B 165 -3.19 -3.70 6.59
N PHE B 166 -3.25 -3.61 5.28
CA PHE B 166 -2.99 -4.77 4.42
C PHE B 166 -2.44 -4.25 3.11
N GLY B 167 -1.80 -5.12 2.33
CA GLY B 167 -1.29 -4.66 1.05
C GLY B 167 -1.00 -5.85 0.14
N PHE B 168 -0.62 -5.55 -1.08
CA PHE B 168 -0.39 -6.50 -2.16
C PHE B 168 0.94 -6.24 -2.84
N PHE B 169 1.44 -7.29 -3.49
CA PHE B 169 2.59 -7.03 -4.38
C PHE B 169 2.60 -8.08 -5.48
N GLY B 170 2.99 -7.68 -6.68
CA GLY B 170 3.07 -8.64 -7.79
C GLY B 170 4.39 -9.39 -7.65
N ILE B 171 4.39 -10.66 -8.03
CA ILE B 171 5.64 -11.43 -7.92
C ILE B 171 5.75 -12.31 -9.16
N ASP B 172 6.94 -12.31 -9.74
CA ASP B 172 7.15 -13.19 -10.89
C ASP B 172 7.78 -14.47 -10.33
N TYR B 173 6.93 -15.45 -10.04
CA TYR B 173 7.42 -16.67 -9.41
C TYR B 173 8.45 -17.39 -10.25
N SER B 174 8.38 -17.16 -11.57
CA SER B 174 9.36 -17.90 -12.40
C SER B 174 10.78 -17.43 -12.14
N THR B 175 10.93 -16.26 -11.50
CA THR B 175 12.29 -15.81 -11.25
C THR B 175 12.71 -16.04 -9.81
N ALA B 176 11.84 -16.68 -9.03
CA ALA B 176 12.01 -16.82 -7.59
C ALA B 176 12.57 -18.18 -7.18
N HIS B 177 13.05 -18.97 -8.13
CA HIS B 177 13.58 -20.30 -7.79
C HIS B 177 15.07 -20.25 -7.50
N SER B 178 15.54 -21.13 -6.62
CA SER B 178 16.97 -21.11 -6.33
C SER B 178 17.61 -22.48 -6.46
N ALA B 179 18.77 -22.56 -7.12
CA ALA B 179 19.51 -23.83 -7.12
C ALA B 179 20.05 -24.10 -5.73
N ASN B 180 20.19 -23.05 -4.91
CA ASN B 180 20.66 -23.27 -3.55
C ASN B 180 19.59 -23.60 -2.54
N TYR B 181 18.35 -23.82 -2.97
CA TYR B 181 17.26 -24.09 -2.02
C TYR B 181 17.56 -25.16 -0.99
N GLN B 182 18.12 -26.29 -1.42
CA GLN B 182 18.38 -27.43 -0.54
C GLN B 182 19.33 -27.05 0.57
N ASN B 183 20.33 -26.23 0.21
CA ASN B 183 21.23 -25.77 1.28
C ASN B 183 20.56 -24.84 2.26
N TYR B 184 19.58 -24.05 1.87
CA TYR B 184 18.88 -23.23 2.88
C TYR B 184 18.27 -24.08 3.98
N LEU B 185 17.91 -25.31 3.60
CA LEU B 185 17.29 -26.24 4.53
C LEU B 185 18.27 -26.83 5.52
N ASN B 186 19.55 -26.92 5.15
CA ASN B 186 20.48 -27.59 6.07
C ASN B 186 21.03 -26.66 7.14
#